data_1X56
#
_entry.id   1X56
#
_cell.length_a   126.122
_cell.length_b   68.597
_cell.length_c   75.641
_cell.angle_alpha   90.00
_cell.angle_beta   117.05
_cell.angle_gamma   90.00
#
_symmetry.space_group_name_H-M   'C 1 2 1'
#
loop_
_entity.id
_entity.type
_entity.pdbx_description
1 polymer 'Asparaginyl-tRNA synthetase'
2 water water
#
_entity_poly.entity_id   1
_entity_poly.type   'polypeptide(L)'
_entity_poly.pdbx_seq_one_letter_code
;MIEKVYCQEVKPELDGKKVRLAGWVYTNMRVGKKIFLWIRDSTGIVQAVVAKNVVGEETFEKAKKLGRESSVIVEGIVKA
DERAPGGAEVHVEKLEVIQAVSEFPIPENPEQASPELLLDYRHLHIRTPKASAIMKVKETLIMAAREWLLKDGWHEVFPP
ILVTGAVEGGATLFKLKYFDKYAYLSQSAQLYLEAAIFGLEKVWSLTPSFRAEKSRTRRHLTEFWHLELEAAWMDLWDIM
KVEEELVSYMVQRTLELRKKEIEMFRDDLTTLKNTEPPFPRISYDEAIDILQSKGVNVEWGDDLGADEERVLTEEFDRPF
FVYGYPKHIKAFYMKEDPNDPRKVLASDMLAPEGYGEIIGGSQREDDYDKLLNRILEEGMDPKDYEWYLDLRRYGSVPHS
GFGLGVERLVAWVLKLDHIRWAALFPRTPARLYP
;
_entity_poly.pdbx_strand_id   A
#
# COMPACT_ATOMS: atom_id res chain seq x y z
N MET A 1 -8.20 -30.04 -12.84
CA MET A 1 -6.83 -29.49 -12.61
C MET A 1 -6.06 -29.34 -13.92
N ILE A 2 -6.24 -28.16 -14.55
CA ILE A 2 -5.33 -27.67 -15.60
C ILE A 2 -3.93 -27.67 -14.96
N GLU A 3 -3.03 -28.56 -15.39
CA GLU A 3 -1.69 -28.57 -14.79
C GLU A 3 -0.75 -27.75 -15.65
N LYS A 4 -0.49 -26.51 -15.25
CA LYS A 4 0.10 -25.53 -16.17
C LYS A 4 1.55 -25.27 -15.83
N VAL A 5 2.31 -24.81 -16.81
CA VAL A 5 3.64 -24.29 -16.62
C VAL A 5 3.49 -22.75 -16.67
N TYR A 6 4.01 -22.06 -15.65
CA TYR A 6 3.94 -20.62 -15.59
C TYR A 6 4.93 -20.04 -16.60
N CYS A 7 4.62 -18.85 -17.11
CA CYS A 7 5.51 -18.22 -18.06
C CYS A 7 6.94 -18.08 -17.57
N GLN A 8 7.11 -17.73 -16.29
CA GLN A 8 8.46 -17.59 -15.73
C GLN A 8 9.25 -18.89 -15.76
N GLU A 9 8.56 -20.03 -15.81
CA GLU A 9 9.25 -21.32 -15.84
C GLU A 9 9.81 -21.70 -17.21
N VAL A 10 9.45 -20.97 -18.25
CA VAL A 10 9.83 -21.31 -19.62
C VAL A 10 11.23 -20.78 -19.88
N LYS A 11 12.23 -21.66 -19.74
CA LYS A 11 13.63 -21.21 -19.72
C LYS A 11 14.36 -22.08 -20.70
N PRO A 12 15.53 -21.63 -21.21
CA PRO A 12 16.28 -22.38 -22.24
C PRO A 12 16.65 -23.80 -21.81
N GLU A 13 16.87 -24.04 -20.52
CA GLU A 13 17.13 -25.42 -20.05
C GLU A 13 15.96 -26.40 -20.19
N LEU A 14 14.76 -25.90 -20.48
CA LEU A 14 13.62 -26.79 -20.77
C LEU A 14 13.61 -27.17 -22.27
N ASP A 15 14.67 -26.83 -23.00
CA ASP A 15 14.73 -27.13 -24.43
C ASP A 15 14.36 -28.61 -24.73
N GLY A 16 13.34 -28.80 -25.58
CA GLY A 16 12.88 -30.12 -26.02
C GLY A 16 11.78 -30.74 -25.17
N LYS A 17 11.33 -30.03 -24.14
CA LYS A 17 10.30 -30.53 -23.23
C LYS A 17 8.94 -29.95 -23.54
N LYS A 18 7.91 -30.74 -23.30
CA LYS A 18 6.53 -30.31 -23.49
C LYS A 18 6.07 -29.48 -22.31
N VAL A 19 5.30 -28.44 -22.59
CA VAL A 19 4.76 -27.61 -21.56
C VAL A 19 3.35 -27.28 -21.95
N ARG A 20 2.54 -26.96 -20.94
CA ARG A 20 1.20 -26.44 -21.14
C ARG A 20 1.12 -25.07 -20.53
N LEU A 21 0.90 -24.07 -21.36
CA LEU A 21 0.68 -22.68 -20.90
C LEU A 21 -0.80 -22.41 -20.75
N ALA A 22 -1.17 -21.58 -19.80
CA ALA A 22 -2.57 -21.18 -19.63
C ALA A 22 -2.51 -19.71 -19.33
N GLY A 23 -3.13 -18.90 -20.19
CA GLY A 23 -3.07 -17.49 -19.97
C GLY A 23 -3.84 -16.70 -20.99
N TRP A 24 -3.38 -15.47 -21.21
CA TRP A 24 -4.11 -14.51 -22.01
C TRP A 24 -3.19 -13.94 -23.10
N VAL A 25 -3.76 -13.70 -24.29
CA VAL A 25 -2.97 -13.07 -25.37
C VAL A 25 -2.58 -11.61 -25.02
N TYR A 26 -1.28 -11.42 -25.04
CA TYR A 26 -0.66 -10.11 -24.82
C TYR A 26 -0.47 -9.37 -26.16
N THR A 27 0.15 -10.05 -27.12
CA THR A 27 0.19 -9.56 -28.51
C THR A 27 0.09 -10.73 -29.50
N ASN A 28 -0.29 -10.38 -30.73
CA ASN A 28 -0.45 -11.36 -31.79
C ASN A 28 0.19 -10.70 -33.02
N MET A 29 1.29 -11.26 -33.53
CA MET A 29 1.89 -10.70 -34.72
C MET A 29 2.31 -11.80 -35.72
N ARG A 30 2.05 -11.56 -36.99
CA ARG A 30 2.55 -12.42 -38.01
C ARG A 30 4.03 -12.13 -38.30
N VAL A 31 4.87 -13.17 -38.27
CA VAL A 31 6.29 -13.02 -38.50
C VAL A 31 6.67 -14.08 -39.54
N GLY A 32 7.10 -13.65 -40.72
CA GLY A 32 7.15 -14.60 -41.85
C GLY A 32 5.76 -15.19 -42.12
N LYS A 33 5.69 -16.50 -42.26
CA LYS A 33 4.45 -17.29 -42.49
C LYS A 33 3.76 -17.73 -41.19
N LYS A 34 4.39 -17.40 -40.08
CA LYS A 34 3.99 -17.93 -38.75
C LYS A 34 3.29 -16.88 -37.92
N ILE A 35 2.49 -17.33 -36.96
CA ILE A 35 1.87 -16.43 -35.97
C ILE A 35 2.61 -16.49 -34.62
N PHE A 36 3.03 -15.34 -34.11
CA PHE A 36 3.71 -15.31 -32.82
C PHE A 36 2.70 -14.76 -31.86
N LEU A 37 2.25 -15.59 -30.94
CA LEU A 37 1.38 -15.14 -29.84
C LEU A 37 2.24 -14.92 -28.62
N TRP A 38 2.20 -13.73 -28.02
CA TRP A 38 2.88 -13.57 -26.74
C TRP A 38 1.80 -13.82 -25.68
N ILE A 39 2.03 -14.76 -24.77
CA ILE A 39 1.02 -15.21 -23.80
C ILE A 39 1.43 -14.66 -22.46
N ARG A 40 0.52 -13.95 -21.82
CA ARG A 40 0.73 -13.35 -20.51
C ARG A 40 0.14 -14.32 -19.45
N ASP A 41 0.84 -14.50 -18.34
CA ASP A 41 0.14 -14.96 -17.12
C ASP A 41 0.64 -14.12 -15.94
N SER A 42 0.38 -14.55 -14.72
CA SER A 42 0.75 -13.73 -13.56
C SER A 42 2.26 -13.62 -13.31
N THR A 43 3.05 -14.43 -14.00
CA THR A 43 4.49 -14.50 -13.75
C THR A 43 5.31 -13.91 -14.89
N GLY A 44 4.69 -13.68 -16.05
CA GLY A 44 5.45 -13.18 -17.18
C GLY A 44 4.80 -13.41 -18.55
N ILE A 45 5.61 -13.23 -19.59
CA ILE A 45 5.16 -13.37 -20.98
C ILE A 45 6.07 -14.34 -21.74
N VAL A 46 5.46 -15.24 -22.50
CA VAL A 46 6.18 -16.23 -23.28
C VAL A 46 5.72 -16.16 -24.73
N GLN A 47 6.68 -16.28 -25.64
CA GLN A 47 6.44 -16.32 -27.10
C GLN A 47 6.09 -17.77 -27.53
N ALA A 48 4.87 -17.92 -28.01
CA ALA A 48 4.29 -19.17 -28.51
C ALA A 48 4.16 -19.04 -30.05
N VAL A 49 4.87 -19.90 -30.77
CA VAL A 49 4.98 -19.87 -32.24
C VAL A 49 4.01 -20.86 -32.89
N VAL A 50 3.07 -20.33 -33.66
CA VAL A 50 1.97 -21.14 -34.24
C VAL A 50 2.21 -21.29 -35.75
N ALA A 51 2.49 -22.50 -36.21
CA ALA A 51 2.84 -22.70 -37.62
C ALA A 51 1.70 -23.45 -38.28
N LYS A 52 1.24 -22.95 -39.43
CA LYS A 52 0.08 -23.52 -40.12
C LYS A 52 0.28 -25.01 -40.40
N ASN A 53 1.49 -25.41 -40.81
CA ASN A 53 1.75 -26.80 -41.22
C ASN A 53 1.94 -27.76 -40.03
N VAL A 54 1.93 -27.20 -38.80
CA VAL A 54 1.96 -27.98 -37.56
C VAL A 54 0.55 -28.12 -36.96
N VAL A 55 -0.18 -27.01 -36.85
CA VAL A 55 -1.46 -27.01 -36.14
C VAL A 55 -2.63 -27.22 -37.08
N GLY A 56 -2.42 -27.04 -38.39
CA GLY A 56 -3.50 -27.13 -39.38
C GLY A 56 -4.27 -25.85 -39.62
N GLU A 57 -4.97 -25.82 -40.76
CA GLU A 57 -5.59 -24.60 -41.24
C GLU A 57 -6.66 -24.06 -40.27
N GLU A 58 -7.46 -24.95 -39.67
CA GLU A 58 -8.55 -24.48 -38.82
C GLU A 58 -8.03 -23.72 -37.57
N THR A 59 -7.03 -24.33 -36.93
CA THR A 59 -6.39 -23.72 -35.76
C THR A 59 -5.62 -22.47 -36.13
N PHE A 60 -4.90 -22.52 -37.25
CA PHE A 60 -4.15 -21.38 -37.72
C PHE A 60 -5.08 -20.18 -37.97
N GLU A 61 -6.23 -20.40 -38.64
CA GLU A 61 -7.24 -19.34 -38.84
C GLU A 61 -7.82 -18.82 -37.51
N LYS A 62 -8.07 -19.72 -36.58
CA LYS A 62 -8.51 -19.29 -35.22
C LYS A 62 -7.46 -18.41 -34.57
N ALA A 63 -6.18 -18.81 -34.66
CA ALA A 63 -5.10 -18.03 -34.06
C ALA A 63 -5.02 -16.61 -34.59
N LYS A 64 -5.34 -16.40 -35.88
CA LYS A 64 -5.29 -15.07 -36.49
C LYS A 64 -6.28 -14.11 -35.84
N LYS A 65 -7.38 -14.64 -35.33
CA LYS A 65 -8.43 -13.83 -34.78
C LYS A 65 -8.21 -13.49 -33.29
N LEU A 66 -7.12 -13.95 -32.69
CA LEU A 66 -6.94 -13.74 -31.25
C LEU A 66 -6.35 -12.39 -30.90
N GLY A 67 -7.21 -11.51 -30.40
CA GLY A 67 -6.78 -10.19 -29.99
C GLY A 67 -6.31 -10.26 -28.55
N ARG A 68 -5.92 -9.10 -28.04
CA ARG A 68 -5.49 -8.90 -26.69
C ARG A 68 -6.52 -9.37 -25.67
N GLU A 69 -6.05 -10.16 -24.70
CA GLU A 69 -6.86 -10.72 -23.62
C GLU A 69 -7.69 -11.96 -23.99
N SER A 70 -7.49 -12.47 -25.22
CA SER A 70 -8.02 -13.82 -25.54
C SER A 70 -7.48 -14.83 -24.55
N SER A 71 -8.35 -15.67 -23.97
CA SER A 71 -7.88 -16.71 -23.03
C SER A 71 -7.60 -17.99 -23.78
N VAL A 72 -6.43 -18.56 -23.55
CA VAL A 72 -5.94 -19.68 -24.31
C VAL A 72 -5.21 -20.69 -23.42
N ILE A 73 -5.30 -21.96 -23.83
CA ILE A 73 -4.42 -23.02 -23.33
C ILE A 73 -3.53 -23.39 -24.50
N VAL A 74 -2.23 -23.46 -24.27
CA VAL A 74 -1.27 -23.76 -25.29
C VAL A 74 -0.40 -24.95 -24.86
N GLU A 75 -0.34 -26.00 -25.68
CA GLU A 75 0.64 -27.04 -25.44
C GLU A 75 1.67 -27.10 -26.55
N GLY A 76 2.92 -27.27 -26.15
CA GLY A 76 3.96 -27.39 -27.14
C GLY A 76 5.28 -27.70 -26.51
N ILE A 77 6.32 -27.59 -27.32
CA ILE A 77 7.67 -27.94 -26.97
C ILE A 77 8.52 -26.67 -26.88
N VAL A 78 9.24 -26.55 -25.78
CA VAL A 78 10.16 -25.43 -25.54
C VAL A 78 11.36 -25.57 -26.47
N LYS A 79 11.71 -24.47 -27.11
CA LYS A 79 12.91 -24.36 -27.89
C LYS A 79 13.76 -23.18 -27.37
N ALA A 80 14.99 -23.49 -26.95
CA ALA A 80 15.95 -22.48 -26.49
C ALA A 80 16.31 -21.63 -27.70
N ASP A 81 16.09 -20.33 -27.63
CA ASP A 81 16.46 -19.43 -28.69
C ASP A 81 16.77 -18.05 -28.13
N GLU A 82 18.02 -17.64 -28.27
CA GLU A 82 18.51 -16.36 -27.74
C GLU A 82 17.70 -15.16 -28.20
N ARG A 83 17.03 -15.29 -29.34
CA ARG A 83 16.28 -14.20 -29.93
C ARG A 83 14.83 -14.10 -29.42
N ALA A 84 14.33 -15.16 -28.76
CA ALA A 84 13.05 -15.07 -28.12
C ALA A 84 13.18 -14.49 -26.71
N PRO A 85 12.13 -13.82 -26.23
CA PRO A 85 12.05 -13.37 -24.85
C PRO A 85 12.33 -14.48 -23.87
N GLY A 86 13.14 -14.18 -22.85
CA GLY A 86 13.50 -15.17 -21.85
C GLY A 86 14.50 -16.17 -22.38
N GLY A 87 14.94 -15.98 -23.64
CA GLY A 87 15.80 -16.97 -24.35
C GLY A 87 15.12 -18.34 -24.66
N ALA A 88 13.81 -18.45 -24.56
CA ALA A 88 13.13 -19.72 -24.87
C ALA A 88 11.74 -19.38 -25.37
N GLU A 89 11.31 -20.04 -26.43
CA GLU A 89 9.95 -19.93 -26.96
C GLU A 89 9.24 -21.29 -26.95
N VAL A 90 7.94 -21.28 -27.21
CA VAL A 90 7.17 -22.53 -27.26
C VAL A 90 6.71 -22.78 -28.69
N HIS A 91 7.06 -23.95 -29.25
CA HIS A 91 6.57 -24.29 -30.60
C HIS A 91 5.25 -25.03 -30.43
N VAL A 92 4.17 -24.36 -30.80
CA VAL A 92 2.81 -24.82 -30.49
C VAL A 92 2.37 -26.10 -31.27
N GLU A 93 1.93 -27.10 -30.51
CA GLU A 93 1.31 -28.32 -31.08
C GLU A 93 -0.22 -28.22 -30.98
N LYS A 94 -0.72 -27.76 -29.84
CA LYS A 94 -2.13 -27.68 -29.66
C LYS A 94 -2.47 -26.30 -29.12
N LEU A 95 -3.51 -25.68 -29.69
CA LEU A 95 -4.01 -24.39 -29.26
C LEU A 95 -5.49 -24.51 -28.94
N GLU A 96 -5.87 -24.29 -27.70
CA GLU A 96 -7.27 -24.37 -27.31
C GLU A 96 -7.69 -22.96 -26.97
N VAL A 97 -8.66 -22.45 -27.71
CA VAL A 97 -9.13 -21.08 -27.53
C VAL A 97 -10.29 -21.14 -26.54
N ILE A 98 -10.11 -20.56 -25.36
CA ILE A 98 -11.21 -20.55 -24.41
C ILE A 98 -12.19 -19.45 -24.79
N GLN A 99 -11.68 -18.22 -24.96
CA GLN A 99 -12.50 -17.11 -25.40
C GLN A 99 -11.67 -16.11 -26.21
N ALA A 100 -11.96 -15.98 -27.51
CA ALA A 100 -11.31 -14.98 -28.37
C ALA A 100 -11.84 -13.61 -28.02
N VAL A 101 -10.97 -12.63 -27.95
CA VAL A 101 -11.35 -11.27 -27.65
C VAL A 101 -10.70 -10.39 -28.73
N SER A 102 -11.39 -9.35 -29.18
CA SER A 102 -10.75 -8.44 -30.15
C SER A 102 -10.91 -6.99 -29.73
N GLU A 103 -11.73 -6.73 -28.71
CA GLU A 103 -12.01 -5.35 -28.31
C GLU A 103 -11.86 -5.02 -26.81
N PHE A 104 -10.75 -5.44 -26.22
CA PHE A 104 -10.47 -5.11 -24.84
C PHE A 104 -10.49 -3.58 -24.65
N PRO A 105 -11.28 -3.04 -23.70
CA PRO A 105 -11.44 -1.59 -23.56
C PRO A 105 -10.23 -0.80 -23.03
N ILE A 106 -9.25 -1.46 -22.44
CA ILE A 106 -8.08 -0.74 -21.88
C ILE A 106 -7.04 -0.69 -22.99
N PRO A 107 -6.57 0.50 -23.36
CA PRO A 107 -5.58 0.62 -24.43
C PRO A 107 -4.32 -0.23 -24.17
N GLU A 108 -3.66 -0.64 -25.25
CA GLU A 108 -2.40 -1.40 -25.18
C GLU A 108 -1.46 -0.78 -24.13
N ASN A 109 -1.22 0.53 -24.23
CA ASN A 109 -0.56 1.28 -23.15
C ASN A 109 -1.61 2.12 -22.39
N PRO A 110 -2.00 1.62 -21.21
CA PRO A 110 -3.17 2.14 -20.50
C PRO A 110 -3.03 3.61 -20.11
N GLU A 111 -1.81 4.11 -19.99
CA GLU A 111 -1.67 5.52 -19.67
C GLU A 111 -1.79 6.46 -20.88
N GLN A 112 -2.11 5.88 -22.03
CA GLN A 112 -2.69 6.66 -23.11
C GLN A 112 -4.13 7.11 -22.82
N ALA A 113 -4.89 6.28 -22.08
CA ALA A 113 -6.30 6.59 -21.75
C ALA A 113 -6.48 7.70 -20.70
N SER A 114 -7.66 8.35 -20.72
CA SER A 114 -8.12 9.16 -19.59
C SER A 114 -8.16 8.33 -18.28
N PRO A 115 -7.57 8.84 -17.20
CA PRO A 115 -7.68 8.17 -15.90
C PRO A 115 -9.13 7.81 -15.53
N GLU A 116 -10.10 8.58 -16.01
CA GLU A 116 -11.50 8.28 -15.72
C GLU A 116 -12.03 7.02 -16.45
N LEU A 117 -11.55 6.79 -17.67
CA LEU A 117 -11.87 5.57 -18.40
C LEU A 117 -11.29 4.35 -17.64
N LEU A 118 -10.02 4.44 -17.28
CA LEU A 118 -9.32 3.38 -16.53
C LEU A 118 -10.04 3.01 -15.22
N LEU A 119 -10.56 4.02 -14.52
CA LEU A 119 -11.28 3.82 -13.26
C LEU A 119 -12.68 3.27 -13.48
N ASP A 120 -13.36 3.72 -14.53
CA ASP A 120 -14.66 3.14 -14.87
C ASP A 120 -14.52 1.68 -15.27
N TYR A 121 -13.36 1.35 -15.81
CA TYR A 121 -13.01 -0.04 -16.11
C TYR A 121 -11.94 -0.61 -15.15
N ARG A 122 -11.98 -0.20 -13.87
CA ARG A 122 -10.96 -0.61 -12.90
C ARG A 122 -10.83 -2.13 -12.83
N HIS A 123 -11.95 -2.83 -12.92
CA HIS A 123 -11.97 -4.29 -12.82
C HIS A 123 -11.14 -4.95 -13.94
N LEU A 124 -10.90 -4.22 -15.05
CA LEU A 124 -10.09 -4.72 -16.21
C LEU A 124 -8.68 -4.13 -16.16
N HIS A 125 -8.59 -2.87 -15.73
CA HIS A 125 -7.32 -2.17 -15.52
C HIS A 125 -6.37 -2.93 -14.55
N ILE A 126 -6.90 -3.51 -13.48
CA ILE A 126 -6.01 -4.16 -12.53
C ILE A 126 -5.27 -5.35 -13.09
N ARG A 127 -5.74 -5.93 -14.21
CA ARG A 127 -5.00 -7.06 -14.79
C ARG A 127 -3.74 -6.65 -15.57
N THR A 128 -3.62 -5.38 -15.95
CA THR A 128 -2.49 -4.93 -16.75
C THR A 128 -1.17 -4.88 -15.95
N PRO A 129 -0.04 -5.07 -16.64
CA PRO A 129 1.28 -5.21 -16.00
C PRO A 129 1.61 -4.17 -14.91
N LYS A 130 1.40 -2.89 -15.21
CA LYS A 130 1.74 -1.88 -14.21
C LYS A 130 0.80 -1.85 -13.00
N ALA A 131 -0.51 -1.99 -13.22
CA ALA A 131 -1.46 -1.97 -12.13
C ALA A 131 -1.22 -3.20 -11.24
N SER A 132 -0.95 -4.34 -11.88
CA SER A 132 -0.62 -5.56 -11.20
C SER A 132 0.69 -5.47 -10.37
N ALA A 133 1.70 -4.80 -10.93
CA ALA A 133 2.94 -4.57 -10.25
C ALA A 133 2.76 -3.82 -8.92
N ILE A 134 1.90 -2.81 -8.91
CA ILE A 134 1.57 -2.05 -7.68
C ILE A 134 1.01 -3.01 -6.61
N MET A 135 0.14 -3.94 -7.04
CA MET A 135 -0.47 -4.89 -6.09
C MET A 135 0.58 -5.86 -5.54
N LYS A 136 1.55 -6.26 -6.39
CA LYS A 136 2.63 -7.12 -5.90
C LYS A 136 3.57 -6.40 -4.91
N VAL A 137 3.89 -5.13 -5.21
CA VAL A 137 4.63 -4.29 -4.26
C VAL A 137 3.83 -4.14 -2.94
N LYS A 138 2.52 -3.84 -3.04
CA LYS A 138 1.68 -3.75 -1.84
C LYS A 138 1.68 -5.04 -0.97
N GLU A 139 1.45 -6.24 -1.55
CA GLU A 139 1.44 -7.44 -0.71
C GLU A 139 2.81 -7.67 -0.11
N THR A 140 3.87 -7.25 -0.81
CA THR A 140 5.24 -7.53 -0.30
C THR A 140 5.57 -6.61 0.88
N LEU A 141 5.24 -5.33 0.74
CA LEU A 141 5.39 -4.37 1.86
C LEU A 141 4.65 -4.89 3.11
N ILE A 142 3.46 -5.42 2.90
CA ILE A 142 2.68 -5.98 4.03
C ILE A 142 3.27 -7.28 4.59
N MET A 143 3.64 -8.23 3.72
CA MET A 143 4.35 -9.43 4.15
C MET A 143 5.57 -9.10 4.99
N ALA A 144 6.37 -8.12 4.53
CA ALA A 144 7.56 -7.69 5.24
C ALA A 144 7.19 -7.13 6.64
N ALA A 145 6.16 -6.29 6.73
CA ALA A 145 5.70 -5.79 8.06
C ALA A 145 5.37 -6.98 9.00
N ARG A 146 4.64 -8.00 8.51
CA ARG A 146 4.29 -9.14 9.33
C ARG A 146 5.51 -9.96 9.79
N GLU A 147 6.54 -10.10 8.91
CA GLU A 147 7.80 -10.70 9.31
C GLU A 147 8.42 -9.98 10.51
N TRP A 148 8.53 -8.66 10.39
CA TRP A 148 9.14 -7.82 11.40
C TRP A 148 8.34 -7.93 12.71
N LEU A 149 7.01 -7.80 12.60
CA LEU A 149 6.06 -7.86 13.75
C LEU A 149 6.13 -9.16 14.52
N LEU A 150 6.18 -10.29 13.79
CA LEU A 150 6.35 -11.62 14.41
C LEU A 150 7.71 -11.75 15.10
N LYS A 151 8.77 -11.34 14.42
CA LYS A 151 10.12 -11.45 14.93
C LYS A 151 10.28 -10.61 16.20
N ASP A 152 9.72 -9.41 16.19
CA ASP A 152 9.85 -8.50 17.31
C ASP A 152 8.88 -8.78 18.50
N GLY A 153 8.00 -9.77 18.35
CA GLY A 153 7.11 -10.21 19.44
C GLY A 153 5.79 -9.46 19.58
N TRP A 154 5.21 -8.97 18.48
CA TRP A 154 3.94 -8.26 18.54
C TRP A 154 2.79 -9.22 18.26
N HIS A 155 1.63 -8.99 18.90
CA HIS A 155 0.49 -9.88 18.69
C HIS A 155 -0.50 -9.23 17.73
N GLU A 156 -0.96 -9.98 16.75
CA GLU A 156 -1.97 -9.50 15.84
C GLU A 156 -3.36 -9.62 16.48
N VAL A 157 -4.15 -8.54 16.43
CA VAL A 157 -5.57 -8.58 16.85
C VAL A 157 -6.45 -8.10 15.69
N PHE A 158 -7.77 -8.27 15.86
CA PHE A 158 -8.79 -8.01 14.83
C PHE A 158 -9.89 -7.14 15.45
N PRO A 159 -9.61 -5.82 15.51
CA PRO A 159 -10.44 -4.85 16.22
C PRO A 159 -11.67 -4.55 15.41
N PRO A 160 -12.67 -3.90 16.04
CA PRO A 160 -13.95 -3.59 15.40
C PRO A 160 -13.90 -2.49 14.35
N ILE A 161 -14.74 -2.65 13.33
CA ILE A 161 -14.94 -1.61 12.33
C ILE A 161 -16.16 -0.76 12.66
N LEU A 162 -17.27 -1.41 13.06
CA LEU A 162 -18.46 -0.68 13.50
C LEU A 162 -18.24 -0.15 14.93
N VAL A 163 -18.39 1.17 15.08
CA VAL A 163 -18.27 1.83 16.40
C VAL A 163 -19.50 2.68 16.73
N THR A 164 -19.73 2.94 18.02
CA THR A 164 -20.87 3.80 18.41
C THR A 164 -20.63 5.24 17.98
N LEU A 173 -16.89 11.24 9.93
CA LEU A 173 -17.39 9.86 10.20
C LEU A 173 -18.64 9.36 9.45
N PHE A 174 -18.51 8.30 8.63
CA PHE A 174 -19.69 7.72 7.98
C PHE A 174 -20.67 7.19 9.01
N LYS A 175 -21.96 7.47 8.79
CA LYS A 175 -23.05 7.04 9.70
C LYS A 175 -23.87 6.00 9.01
N LEU A 176 -24.35 5.01 9.74
CA LEU A 176 -25.30 4.07 9.15
C LEU A 176 -26.35 3.69 10.19
N LYS A 177 -27.50 3.24 9.71
CA LYS A 177 -28.53 2.67 10.58
C LYS A 177 -28.14 1.26 10.97
N TYR A 178 -28.22 0.98 12.26
CA TYR A 178 -27.81 -0.29 12.85
C TYR A 178 -28.94 -0.82 13.75
N PHE A 179 -29.91 -1.46 13.12
CA PHE A 179 -31.10 -1.95 13.83
C PHE A 179 -31.82 -0.77 14.54
N ASP A 180 -31.87 -0.80 15.87
CA ASP A 180 -32.49 0.29 16.67
C ASP A 180 -31.54 1.45 17.00
N LYS A 181 -30.29 1.34 16.54
CA LYS A 181 -29.27 2.35 16.83
C LYS A 181 -28.67 2.95 15.55
N TYR A 182 -27.63 3.75 15.73
CA TYR A 182 -26.76 4.18 14.65
C TYR A 182 -25.34 3.69 14.94
N ALA A 183 -24.63 3.37 13.87
CA ALA A 183 -23.22 2.99 13.92
C ALA A 183 -22.41 3.89 13.00
N TYR A 184 -21.16 4.10 13.39
CA TYR A 184 -20.15 4.76 12.54
C TYR A 184 -19.09 3.76 12.07
N LEU A 185 -18.52 4.07 10.91
CA LEU A 185 -17.38 3.35 10.39
C LEU A 185 -16.07 3.88 11.03
N SER A 186 -15.32 2.98 11.64
CA SER A 186 -14.06 3.34 12.29
C SER A 186 -13.08 4.12 11.40
N GLN A 187 -12.42 5.09 12.00
CA GLN A 187 -11.36 5.79 11.31
C GLN A 187 -9.98 5.30 11.77
N SER A 188 -9.96 4.43 12.80
CA SER A 188 -8.74 4.01 13.48
C SER A 188 -9.05 2.96 14.55
N ALA A 189 -8.25 1.89 14.62
CA ALA A 189 -8.46 0.85 15.66
C ALA A 189 -7.82 1.21 17.00
N GLN A 190 -7.16 2.37 17.07
CA GLN A 190 -6.30 2.75 18.20
C GLN A 190 -6.87 2.51 19.59
N LEU A 191 -8.09 2.99 19.83
CA LEU A 191 -8.62 2.97 21.20
C LEU A 191 -8.84 1.54 21.66
N TYR A 192 -9.16 0.66 20.70
CA TYR A 192 -9.34 -0.77 20.98
C TYR A 192 -8.00 -1.49 21.15
N LEU A 193 -6.97 -1.05 20.42
CA LEU A 193 -5.62 -1.60 20.66
C LEU A 193 -5.11 -1.21 22.06
N GLU A 194 -5.43 -0.01 22.50
CA GLU A 194 -5.10 0.40 23.89
C GLU A 194 -5.74 -0.54 24.93
N ALA A 195 -6.97 -0.98 24.68
CA ALA A 195 -7.62 -1.94 25.60
C ALA A 195 -6.82 -3.24 25.53
N ALA A 196 -6.41 -3.65 24.32
CA ALA A 196 -5.76 -4.95 24.17
C ALA A 196 -4.31 -5.06 24.73
N ILE A 197 -3.60 -3.94 24.88
CA ILE A 197 -2.21 -4.01 25.40
C ILE A 197 -2.20 -4.49 26.85
N PHE A 198 -3.30 -4.31 27.57
CA PHE A 198 -3.37 -4.80 28.97
C PHE A 198 -3.33 -6.33 29.12
N GLY A 199 -3.78 -7.04 28.08
CA GLY A 199 -3.59 -8.48 28.01
C GLY A 199 -2.40 -8.94 27.20
N LEU A 200 -2.06 -8.25 26.10
CA LEU A 200 -1.03 -8.74 25.15
C LEU A 200 0.29 -7.93 25.05
N GLU A 201 0.29 -6.76 25.68
CA GLU A 201 1.42 -5.82 25.79
C GLU A 201 1.85 -5.16 24.48
N LYS A 202 2.05 -5.93 23.42
CA LYS A 202 2.49 -5.36 22.14
C LYS A 202 1.52 -5.93 21.13
N VAL A 203 0.70 -5.04 20.56
CA VAL A 203 -0.38 -5.47 19.63
C VAL A 203 -0.31 -4.70 18.33
N TRP A 204 -0.87 -5.30 17.27
CA TRP A 204 -1.02 -4.62 16.00
C TRP A 204 -2.27 -5.10 15.26
N SER A 205 -2.77 -4.24 14.37
CA SER A 205 -3.85 -4.65 13.47
C SER A 205 -3.68 -4.01 12.12
N LEU A 206 -4.30 -4.64 11.13
CA LEU A 206 -4.37 -4.11 9.80
C LEU A 206 -5.83 -4.16 9.39
N THR A 207 -6.46 -2.97 9.28
CA THR A 207 -7.92 -2.86 9.09
C THR A 207 -8.15 -1.78 8.07
N PRO A 208 -9.31 -1.84 7.39
CA PRO A 208 -9.75 -0.71 6.59
C PRO A 208 -10.29 0.37 7.53
N SER A 209 -9.92 1.64 7.27
CA SER A 209 -10.40 2.81 8.02
C SER A 209 -11.00 3.73 7.01
N PHE A 210 -11.87 4.63 7.48
CA PHE A 210 -12.79 5.36 6.61
C PHE A 210 -12.72 6.83 6.93
N ARG A 211 -12.80 7.69 5.90
CA ARG A 211 -12.71 9.16 6.05
C ARG A 211 -13.84 9.79 5.27
N ALA A 212 -14.76 10.42 6.00
CA ALA A 212 -16.00 10.92 5.38
C ALA A 212 -15.95 12.38 4.91
N GLU A 213 -14.80 13.04 5.01
CA GLU A 213 -14.60 14.43 4.52
C GLU A 213 -14.27 14.53 3.01
N HIS A 220 -6.13 11.62 -1.00
CA HIS A 220 -7.30 11.28 -0.17
C HIS A 220 -8.22 10.17 -0.72
N LEU A 221 -8.27 9.08 0.05
CA LEU A 221 -9.18 8.01 -0.19
C LEU A 221 -10.20 8.08 0.94
N THR A 222 -11.45 7.66 0.70
CA THR A 222 -12.41 7.64 1.79
C THR A 222 -12.34 6.28 2.46
N GLU A 223 -11.65 5.35 1.80
CA GLU A 223 -11.40 4.01 2.34
C GLU A 223 -9.93 3.63 2.13
N PHE A 224 -9.26 3.25 3.22
CA PHE A 224 -7.81 2.93 3.13
C PHE A 224 -7.39 1.88 4.16
N TRP A 225 -6.21 1.32 3.96
CA TRP A 225 -5.69 0.29 4.86
C TRP A 225 -4.73 0.86 5.88
N HIS A 226 -4.97 0.50 7.14
CA HIS A 226 -4.42 1.19 8.27
C HIS A 226 -3.67 0.15 9.08
N LEU A 227 -2.33 0.26 9.12
CA LEU A 227 -1.52 -0.67 9.91
C LEU A 227 -1.15 0.06 11.18
N GLU A 228 -1.62 -0.46 12.34
CA GLU A 228 -1.57 0.26 13.61
C GLU A 228 -0.93 -0.62 14.68
N LEU A 229 -0.12 -0.01 15.53
CA LEU A 229 0.61 -0.71 16.58
C LEU A 229 0.34 0.04 17.84
N GLU A 230 0.30 -0.70 18.96
CA GLU A 230 0.19 -0.08 20.29
C GLU A 230 0.98 -0.94 21.28
N ALA A 231 1.72 -0.30 22.21
CA ALA A 231 2.61 -1.03 23.13
C ALA A 231 2.57 -0.41 24.52
N ALA A 232 2.26 -1.24 25.52
CA ALA A 232 2.49 -0.97 26.95
C ALA A 232 3.94 -0.61 27.15
N TRP A 233 4.21 0.26 28.15
CA TRP A 233 5.58 0.56 28.66
C TRP A 233 6.38 1.48 27.76
N MET A 234 5.95 1.71 26.52
CA MET A 234 6.74 2.49 25.57
C MET A 234 6.38 3.95 25.61
N ASP A 235 7.37 4.85 25.62
CA ASP A 235 7.08 6.29 25.49
C ASP A 235 7.24 6.73 24.03
N LEU A 236 7.15 8.03 23.78
CA LEU A 236 7.21 8.53 22.40
C LEU A 236 8.50 8.15 21.70
N TRP A 237 9.65 8.26 22.40
CA TRP A 237 10.95 7.99 21.78
C TRP A 237 11.10 6.50 21.42
N ASP A 238 10.56 5.64 22.28
CA ASP A 238 10.53 4.20 22.05
C ASP A 238 9.69 3.90 20.81
N ILE A 239 8.48 4.47 20.71
CA ILE A 239 7.62 4.16 19.55
C ILE A 239 8.24 4.70 18.24
N MET A 240 8.98 5.82 18.31
CA MET A 240 9.60 6.33 17.11
C MET A 240 10.68 5.34 16.64
N LYS A 241 11.40 4.70 17.56
CA LYS A 241 12.38 3.64 17.18
C LYS A 241 11.70 2.47 16.47
N VAL A 242 10.60 1.97 17.06
CA VAL A 242 9.75 0.96 16.42
C VAL A 242 9.37 1.38 14.98
N GLU A 243 8.87 2.61 14.81
CA GLU A 243 8.39 3.04 13.52
C GLU A 243 9.49 3.05 12.47
N GLU A 244 10.68 3.57 12.81
CA GLU A 244 11.77 3.62 11.82
C GLU A 244 12.34 2.21 11.51
N GLU A 245 12.41 1.33 12.51
CA GLU A 245 12.81 -0.06 12.32
C GLU A 245 11.80 -0.81 11.45
N LEU A 246 10.51 -0.64 11.72
CA LEU A 246 9.48 -1.31 10.92
C LEU A 246 9.48 -0.80 9.46
N VAL A 247 9.40 0.52 9.27
CA VAL A 247 9.40 1.08 7.93
C VAL A 247 10.66 0.72 7.11
N SER A 248 11.83 0.77 7.75
CA SER A 248 13.08 0.38 7.10
C SER A 248 13.08 -1.07 6.66
N TYR A 249 12.65 -1.97 7.53
CA TYR A 249 12.57 -3.35 7.14
C TYR A 249 11.55 -3.56 5.95
N MET A 250 10.37 -2.92 6.04
CA MET A 250 9.37 -3.03 4.99
C MET A 250 10.00 -2.58 3.63
N VAL A 251 10.69 -1.43 3.63
CA VAL A 251 11.25 -0.87 2.39
C VAL A 251 12.43 -1.73 1.92
N GLN A 252 13.34 -2.13 2.83
CA GLN A 252 14.54 -2.90 2.41
C GLN A 252 14.17 -4.29 1.89
N ARG A 253 13.25 -4.94 2.60
CA ARG A 253 12.72 -6.24 2.19
C ARG A 253 11.99 -6.16 0.82
N THR A 254 11.30 -5.07 0.57
CA THR A 254 10.63 -4.85 -0.70
C THR A 254 11.63 -4.51 -1.82
N LEU A 255 12.66 -3.71 -1.55
CA LEU A 255 13.75 -3.53 -2.51
C LEU A 255 14.38 -4.85 -2.90
N GLU A 256 14.68 -5.67 -1.90
CA GLU A 256 15.19 -7.01 -2.14
C GLU A 256 14.34 -7.87 -3.10
N LEU A 257 13.02 -7.83 -2.94
CA LEU A 257 12.16 -8.84 -3.57
C LEU A 257 11.50 -8.32 -4.85
N ARG A 258 11.27 -7.01 -4.89
CA ARG A 258 10.47 -6.38 -5.92
C ARG A 258 11.22 -5.35 -6.71
N LYS A 259 12.54 -5.47 -6.81
CA LYS A 259 13.32 -4.47 -7.57
C LYS A 259 12.75 -4.29 -8.99
N LYS A 260 12.42 -5.40 -9.66
CA LYS A 260 11.84 -5.37 -11.01
C LYS A 260 10.60 -4.50 -11.07
N GLU A 261 9.66 -4.72 -10.14
CA GLU A 261 8.44 -3.93 -10.11
C GLU A 261 8.74 -2.46 -9.82
N ILE A 262 9.57 -2.19 -8.82
CA ILE A 262 9.87 -0.80 -8.46
C ILE A 262 10.57 -0.04 -9.61
N GLU A 263 11.45 -0.74 -10.34
CA GLU A 263 12.09 -0.10 -11.51
C GLU A 263 11.16 0.31 -12.65
N MET A 264 9.92 -0.19 -12.62
CA MET A 264 8.88 0.19 -13.58
C MET A 264 8.41 1.60 -13.29
N PHE A 265 8.61 2.06 -12.07
CA PHE A 265 8.02 3.30 -11.59
C PHE A 265 9.06 4.35 -11.24
N ARG A 266 10.29 3.91 -10.98
CA ARG A 266 11.34 4.79 -10.50
C ARG A 266 12.63 4.66 -11.34
N ASP A 267 13.15 5.82 -11.72
CA ASP A 267 14.50 5.97 -12.34
C ASP A 267 15.56 5.97 -11.27
N ASP A 268 15.19 6.41 -10.09
CA ASP A 268 16.11 6.60 -8.98
C ASP A 268 15.62 5.96 -7.66
N LEU A 269 16.34 4.93 -7.23
CA LEU A 269 16.05 4.20 -5.99
C LEU A 269 16.72 4.80 -4.73
N THR A 270 17.41 5.93 -4.86
CA THR A 270 18.24 6.44 -3.77
C THR A 270 17.52 6.61 -2.43
N THR A 271 16.42 7.38 -2.41
CA THR A 271 15.70 7.61 -1.14
C THR A 271 15.22 6.32 -0.47
N LEU A 272 14.82 5.32 -1.28
CA LEU A 272 14.50 3.98 -0.77
C LEU A 272 15.72 3.30 -0.14
N LYS A 273 16.85 3.33 -0.87
CA LYS A 273 18.09 2.77 -0.38
C LYS A 273 18.49 3.50 0.91
N ASN A 274 18.20 4.79 1.00
CA ASN A 274 18.58 5.57 2.21
C ASN A 274 17.68 5.28 3.44
N THR A 275 16.59 4.51 3.26
CA THR A 275 15.61 4.21 4.32
C THR A 275 16.12 3.11 5.28
N GLU A 276 16.98 3.53 6.21
CA GLU A 276 17.55 2.69 7.26
C GLU A 276 17.63 3.59 8.52
N PRO A 277 17.54 3.03 9.73
CA PRO A 277 17.67 3.84 10.96
C PRO A 277 19.09 4.37 11.14
N PRO A 278 19.31 5.53 11.79
CA PRO A 278 18.26 6.40 12.34
C PRO A 278 17.70 7.39 11.29
N PHE A 279 16.38 7.57 11.25
CA PHE A 279 15.80 8.61 10.40
C PHE A 279 16.07 9.94 11.05
N PRO A 280 16.20 11.01 10.23
CA PRO A 280 16.35 12.36 10.75
C PRO A 280 15.14 12.76 11.59
N ARG A 281 15.37 13.55 12.62
CA ARG A 281 14.30 14.00 13.50
C ARG A 281 14.35 15.50 13.68
N ILE A 282 13.24 16.16 13.39
CA ILE A 282 13.17 17.58 13.72
C ILE A 282 11.95 17.86 14.60
N SER A 283 12.05 18.85 15.49
CA SER A 283 10.92 19.27 16.27
C SER A 283 9.99 20.07 15.37
N TYR A 284 8.74 20.18 15.80
CA TYR A 284 7.81 21.04 15.13
C TYR A 284 8.38 22.47 15.08
N ASP A 285 9.06 22.91 16.15
CA ASP A 285 9.65 24.29 16.17
C ASP A 285 10.67 24.49 15.02
N GLU A 286 11.60 23.55 14.87
CA GLU A 286 12.53 23.56 13.73
C GLU A 286 11.82 23.49 12.39
N ALA A 287 10.74 22.70 12.29
CA ALA A 287 9.91 22.67 11.07
C ALA A 287 9.41 24.08 10.67
N ILE A 288 8.75 24.78 11.61
CA ILE A 288 8.29 26.16 11.42
C ILE A 288 9.44 27.09 10.98
N ASP A 289 10.61 26.95 11.61
CA ASP A 289 11.84 27.65 11.21
C ASP A 289 12.22 27.38 9.78
N ILE A 290 12.30 26.09 9.42
CA ILE A 290 12.65 25.70 8.06
C ILE A 290 11.65 26.31 7.06
N LEU A 291 10.37 26.20 7.32
CA LEU A 291 9.34 26.71 6.44
C LEU A 291 9.34 28.24 6.32
N GLN A 292 9.55 28.93 7.43
CA GLN A 292 9.64 30.41 7.40
C GLN A 292 10.88 30.83 6.64
N SER A 293 12.00 30.18 6.90
CA SER A 293 13.25 30.43 6.16
C SER A 293 13.19 30.13 4.66
N LYS A 294 12.18 29.42 4.19
CA LYS A 294 12.05 29.18 2.75
C LYS A 294 10.98 30.09 2.22
N GLY A 295 10.39 30.88 3.10
CA GLY A 295 9.44 31.91 2.69
C GLY A 295 7.98 31.58 2.85
N VAL A 296 7.68 30.51 3.60
CA VAL A 296 6.30 30.04 3.83
C VAL A 296 5.64 30.76 5.03
N ASN A 297 4.41 31.23 4.81
CA ASN A 297 3.67 32.02 5.81
C ASN A 297 2.99 31.11 6.84
N VAL A 298 3.79 30.57 7.76
CA VAL A 298 3.28 29.69 8.82
C VAL A 298 3.68 30.25 10.20
N GLU A 299 2.73 30.28 11.13
CA GLU A 299 2.97 30.80 12.48
C GLU A 299 2.98 29.61 13.47
N TRP A 300 3.86 29.66 14.48
CA TRP A 300 3.84 28.63 15.52
C TRP A 300 2.40 28.43 16.02
N GLY A 301 1.96 27.17 16.05
CA GLY A 301 0.64 26.82 16.56
C GLY A 301 -0.24 26.39 15.42
N ASP A 302 0.17 26.78 14.19
CA ASP A 302 -0.54 26.43 12.97
C ASP A 302 -0.33 24.99 12.60
N ASP A 303 -1.35 24.40 12.02
CA ASP A 303 -1.24 23.08 11.40
C ASP A 303 -0.33 23.09 10.16
N LEU A 304 0.45 22.03 10.00
CA LEU A 304 1.16 21.77 8.75
C LEU A 304 0.26 20.87 7.90
N GLY A 305 -0.39 21.47 6.91
CA GLY A 305 -1.20 20.70 5.95
C GLY A 305 -0.38 20.20 4.76
N ALA A 306 -1.01 19.38 3.93
CA ALA A 306 -0.40 18.85 2.70
C ALA A 306 0.71 19.72 2.06
N ASP A 307 0.42 21.00 1.82
CA ASP A 307 1.29 21.87 1.03
C ASP A 307 2.54 22.42 1.78
N GLU A 308 2.45 22.56 3.11
CA GLU A 308 3.63 22.98 3.90
C GLU A 308 4.52 21.74 4.07
N GLU A 309 3.88 20.59 4.29
CA GLU A 309 4.59 19.32 4.34
C GLU A 309 5.39 19.10 3.07
N ARG A 310 4.81 19.43 1.92
CA ARG A 310 5.52 19.24 0.64
C ARG A 310 6.84 20.04 0.64
N VAL A 311 6.74 21.33 0.99
CA VAL A 311 7.94 22.17 1.06
C VAL A 311 8.94 21.67 2.08
N LEU A 312 8.49 21.29 3.27
CA LEU A 312 9.39 20.62 4.25
C LEU A 312 10.13 19.39 3.72
N THR A 313 9.45 18.53 2.96
CA THR A 313 10.11 17.28 2.50
C THR A 313 11.31 17.51 1.54
N GLU A 314 11.37 18.67 0.89
CA GLU A 314 12.50 19.08 0.02
C GLU A 314 13.85 19.04 0.72
N GLU A 315 13.88 19.17 2.05
CA GLU A 315 15.13 19.18 2.78
C GLU A 315 15.68 17.80 3.12
N PHE A 316 14.96 16.76 2.71
CA PHE A 316 15.24 15.41 3.18
C PHE A 316 15.36 14.41 2.03
N ASP A 317 16.18 13.39 2.24
CA ASP A 317 16.43 12.41 1.20
C ASP A 317 16.04 11.00 1.69
N ARG A 318 15.25 10.95 2.75
CA ARG A 318 14.75 9.68 3.31
C ARG A 318 13.59 10.06 4.25
N PRO A 319 12.83 9.09 4.76
CA PRO A 319 11.75 9.45 5.68
C PRO A 319 12.29 10.12 6.91
N PHE A 320 11.55 11.05 7.45
CA PHE A 320 12.00 11.79 8.61
C PHE A 320 10.84 12.05 9.57
N PHE A 321 11.20 12.26 10.85
CA PHE A 321 10.20 12.57 11.84
C PHE A 321 10.08 14.06 12.14
N VAL A 322 8.84 14.52 12.40
CA VAL A 322 8.56 15.82 13.07
C VAL A 322 7.88 15.48 14.40
N TYR A 323 8.37 16.04 15.52
CA TYR A 323 7.85 15.67 16.88
C TYR A 323 7.59 16.91 17.74
N GLY A 324 6.72 16.79 18.75
CA GLY A 324 6.51 17.89 19.69
C GLY A 324 5.58 18.95 19.16
N TYR A 325 4.36 18.54 18.82
CA TYR A 325 3.37 19.44 18.23
C TYR A 325 2.64 20.26 19.27
N PRO A 326 2.18 21.44 18.87
CA PRO A 326 1.25 22.21 19.70
C PRO A 326 0.03 21.34 20.04
N LYS A 327 -0.30 21.32 21.33
CA LYS A 327 -1.39 20.51 21.83
C LYS A 327 -2.68 20.61 21.03
N HIS A 328 -3.00 21.82 20.56
CA HIS A 328 -4.34 22.02 20.01
C HIS A 328 -4.46 21.75 18.52
N ILE A 329 -3.38 21.36 17.86
CA ILE A 329 -3.54 20.77 16.54
C ILE A 329 -3.54 19.22 16.50
N LYS A 330 -3.62 18.57 17.66
CA LYS A 330 -3.53 17.13 17.73
C LYS A 330 -4.69 16.60 18.60
N ALA A 331 -4.94 15.29 18.52
CA ALA A 331 -6.14 14.67 19.09
C ALA A 331 -6.13 14.68 20.63
N PHE A 332 -7.33 14.61 21.20
CA PHE A 332 -7.56 14.73 22.68
C PHE A 332 -6.77 13.74 23.55
N TYR A 333 -6.42 12.58 22.97
CA TYR A 333 -5.84 11.45 23.77
C TYR A 333 -4.34 11.56 24.01
N MET A 334 -3.68 12.57 23.43
CA MET A 334 -2.21 12.63 23.45
C MET A 334 -1.63 13.12 24.76
N LYS A 335 -0.52 12.53 25.17
CA LYS A 335 0.17 12.90 26.41
C LYS A 335 0.84 14.28 26.24
N GLU A 336 0.66 15.18 27.23
CA GLU A 336 1.39 16.47 27.22
C GLU A 336 2.84 16.21 27.42
N ASP A 337 3.64 17.04 26.79
CA ASP A 337 5.03 17.04 27.01
C ASP A 337 5.18 17.62 28.45
N PRO A 338 5.82 16.88 29.35
CA PRO A 338 5.89 17.31 30.75
C PRO A 338 6.88 18.48 30.88
N ASN A 339 7.77 18.65 29.90
CA ASN A 339 8.69 19.79 29.83
C ASN A 339 8.13 21.06 29.24
N ASP A 340 7.00 20.95 28.57
CA ASP A 340 6.37 22.10 27.98
C ASP A 340 4.95 21.72 27.68
N PRO A 341 4.06 21.92 28.66
CA PRO A 341 2.67 21.51 28.52
C PRO A 341 1.92 22.15 27.35
N ARG A 342 2.55 23.11 26.65
CA ARG A 342 1.91 23.71 25.47
C ARG A 342 1.91 22.73 24.28
N LYS A 343 2.80 21.72 24.38
CA LYS A 343 3.04 20.70 23.37
C LYS A 343 2.56 19.31 23.83
N VAL A 344 2.34 18.40 22.86
CA VAL A 344 2.06 17.02 23.11
C VAL A 344 3.18 16.11 22.59
N LEU A 345 3.25 14.91 23.14
CA LEU A 345 4.27 13.95 22.76
C LEU A 345 3.73 13.13 21.57
N ALA A 346 3.71 13.80 20.42
CA ALA A 346 3.22 13.33 19.14
C ALA A 346 4.38 13.42 18.15
N SER A 347 4.42 12.49 17.21
CA SER A 347 5.30 12.65 16.04
C SER A 347 4.65 12.05 14.82
N ASP A 348 4.98 12.65 13.67
CA ASP A 348 4.59 12.12 12.37
C ASP A 348 5.86 11.79 11.60
N MET A 349 5.73 10.78 10.74
CA MET A 349 6.84 10.40 9.86
C MET A 349 6.39 10.80 8.49
N LEU A 350 7.20 11.61 7.85
CA LEU A 350 6.88 12.09 6.50
C LEU A 350 7.85 11.44 5.50
N ALA A 351 7.29 11.01 4.36
CA ALA A 351 8.12 10.52 3.25
C ALA A 351 8.72 11.74 2.46
N PRO A 352 9.91 11.59 1.88
CA PRO A 352 10.52 12.67 1.08
C PRO A 352 9.83 12.81 -0.30
N GLU A 353 10.45 13.62 -1.18
CA GLU A 353 10.00 13.72 -2.57
C GLU A 353 8.57 14.23 -2.67
N GLY A 354 8.19 15.01 -1.69
CA GLY A 354 6.87 15.60 -1.72
C GLY A 354 5.75 14.76 -1.14
N TYR A 355 6.02 13.52 -0.69
CA TYR A 355 4.91 12.61 -0.28
C TYR A 355 4.29 12.93 1.08
N GLY A 356 5.09 13.35 2.05
CA GLY A 356 4.53 13.87 3.30
C GLY A 356 4.08 12.72 4.21
N GLU A 357 3.11 12.97 5.05
CA GLU A 357 2.83 12.08 6.21
C GLU A 357 2.45 10.62 5.83
N ILE A 358 3.18 9.64 6.37
CA ILE A 358 2.83 8.21 6.18
C ILE A 358 2.42 7.55 7.51
N ILE A 359 2.88 8.14 8.62
CA ILE A 359 2.61 7.63 9.98
C ILE A 359 2.31 8.81 10.85
N GLY A 360 1.24 8.69 11.64
CA GLY A 360 0.96 9.59 12.76
C GLY A 360 0.88 8.75 14.03
N GLY A 361 1.61 9.16 15.07
CA GLY A 361 1.58 8.45 16.34
C GLY A 361 1.77 9.37 17.52
N SER A 362 1.68 8.81 18.72
CA SER A 362 1.91 9.59 19.91
C SER A 362 2.10 8.70 21.10
N GLN A 363 2.62 9.29 22.18
CA GLN A 363 2.44 8.70 23.50
C GLN A 363 1.03 9.09 23.94
N ARG A 364 0.34 8.18 24.62
CA ARG A 364 -1.04 8.42 25.03
C ARG A 364 -1.08 8.90 26.47
N GLU A 365 -2.11 9.69 26.78
CA GLU A 365 -2.32 10.17 28.16
C GLU A 365 -2.70 8.95 29.00
N ASP A 366 -1.99 8.77 30.10
CA ASP A 366 -2.17 7.62 31.01
C ASP A 366 -2.72 8.06 32.38
N ASP A 367 -2.85 9.37 32.55
CA ASP A 367 -3.42 9.94 33.77
C ASP A 367 -4.90 10.16 33.61
N TYR A 368 -5.70 9.49 34.46
CA TYR A 368 -7.17 9.63 34.42
C TYR A 368 -7.70 11.08 34.41
N ASP A 369 -7.25 11.91 35.38
CA ASP A 369 -7.80 13.26 35.52
C ASP A 369 -7.43 14.15 34.33
N LYS A 370 -6.18 14.09 33.90
CA LYS A 370 -5.73 14.82 32.70
C LYS A 370 -6.54 14.45 31.46
N LEU A 371 -6.80 13.16 31.26
CA LEU A 371 -7.64 12.71 30.16
C LEU A 371 -9.09 13.19 30.28
N LEU A 372 -9.70 12.99 31.45
CA LEU A 372 -11.08 13.48 31.70
C LEU A 372 -11.14 14.98 31.38
N ASN A 373 -10.16 15.70 31.89
CA ASN A 373 -10.11 17.14 31.64
C ASN A 373 -10.04 17.55 30.16
N ARG A 374 -9.16 16.92 29.38
CA ARG A 374 -9.10 17.13 27.92
C ARG A 374 -10.43 16.81 27.26
N ILE A 375 -11.10 15.74 27.69
CA ILE A 375 -12.38 15.37 27.08
C ILE A 375 -13.40 16.52 27.30
N LEU A 376 -13.46 17.03 28.54
CA LEU A 376 -14.36 18.15 28.86
C LEU A 376 -13.99 19.38 28.03
N GLU A 377 -12.76 19.88 28.16
CA GLU A 377 -12.25 21.03 27.38
C GLU A 377 -12.58 21.03 25.90
N GLU A 378 -12.60 19.84 25.29
CA GLU A 378 -12.92 19.68 23.87
C GLU A 378 -14.43 19.57 23.59
N GLY A 379 -15.29 19.88 24.56
CA GLY A 379 -16.74 19.75 24.40
C GLY A 379 -17.25 18.33 24.07
N MET A 380 -16.53 17.32 24.56
CA MET A 380 -16.99 15.96 24.43
C MET A 380 -17.59 15.53 25.76
N ASP A 381 -18.32 14.43 25.71
CA ASP A 381 -19.04 13.95 26.87
C ASP A 381 -18.29 12.75 27.42
N PRO A 382 -17.77 12.91 28.65
CA PRO A 382 -16.97 11.86 29.29
C PRO A 382 -17.72 10.55 29.44
N LYS A 383 -19.03 10.59 29.24
CA LYS A 383 -19.88 9.43 29.40
C LYS A 383 -19.71 8.50 28.23
N ASP A 384 -19.53 9.08 27.05
CA ASP A 384 -19.27 8.35 25.81
C ASP A 384 -17.92 7.63 25.79
N TYR A 385 -16.97 8.14 26.59
CA TYR A 385 -15.61 7.60 26.63
C TYR A 385 -15.31 6.81 27.89
N GLU A 386 -16.35 6.40 28.62
CA GLU A 386 -16.17 5.78 29.92
C GLU A 386 -15.25 4.53 29.84
N TRP A 387 -15.45 3.68 28.83
CA TRP A 387 -14.60 2.46 28.70
C TRP A 387 -13.14 2.88 28.41
N TYR A 388 -12.96 3.95 27.65
CA TYR A 388 -11.62 4.45 27.34
C TYR A 388 -10.92 4.99 28.61
N LEU A 389 -11.70 5.72 29.42
CA LEU A 389 -11.26 6.21 30.73
C LEU A 389 -11.01 5.09 31.72
N ASP A 390 -11.78 3.99 31.61
CA ASP A 390 -11.50 2.78 32.43
C ASP A 390 -10.05 2.32 32.36
N LEU A 391 -9.44 2.48 31.18
CA LEU A 391 -8.05 2.04 30.98
C LEU A 391 -7.07 2.87 31.81
N ARG A 392 -7.49 4.03 32.33
CA ARG A 392 -6.65 4.85 33.20
C ARG A 392 -7.05 4.63 34.67
N ARG A 393 -7.98 3.70 34.89
CA ARG A 393 -8.58 3.46 36.22
C ARG A 393 -8.10 2.09 36.76
N TYR A 394 -7.94 1.11 35.86
CA TYR A 394 -7.67 -0.25 36.29
C TYR A 394 -6.26 -0.71 35.97
N GLY A 395 -5.24 -0.02 36.48
CA GLY A 395 -3.87 -0.45 36.26
C GLY A 395 -3.30 0.18 35.01
N SER A 396 -3.56 1.48 34.87
CA SER A 396 -2.95 2.33 33.84
C SER A 396 -1.45 2.08 33.74
N VAL A 397 -0.93 2.12 32.52
CA VAL A 397 0.52 2.01 32.33
C VAL A 397 0.87 3.05 31.26
N PRO A 398 2.08 3.58 31.24
CA PRO A 398 2.47 4.41 30.09
C PRO A 398 2.43 3.55 28.80
N HIS A 399 2.05 4.17 27.69
CA HIS A 399 1.93 3.47 26.42
C HIS A 399 1.83 4.44 25.24
N SER A 400 2.20 3.94 24.05
CA SER A 400 2.29 4.73 22.83
C SER A 400 1.95 3.84 21.65
N GLY A 401 1.63 4.46 20.54
CA GLY A 401 1.32 3.69 19.34
C GLY A 401 1.28 4.64 18.13
N PHE A 402 0.90 4.10 16.97
CA PHE A 402 0.89 4.86 15.74
C PHE A 402 0.09 4.10 14.68
N GLY A 403 -0.23 4.80 13.60
CA GLY A 403 -0.95 4.22 12.46
C GLY A 403 -0.16 4.59 11.21
N LEU A 404 0.00 3.64 10.29
CA LEU A 404 0.63 3.88 9.00
C LEU A 404 -0.46 3.72 7.93
N GLY A 405 -0.40 4.61 6.94
CA GLY A 405 -1.30 4.53 5.80
C GLY A 405 -0.60 3.69 4.73
N VAL A 406 -1.15 2.50 4.48
CA VAL A 406 -0.54 1.56 3.53
C VAL A 406 -0.42 2.13 2.08
N GLU A 407 -1.53 2.64 1.57
CA GLU A 407 -1.57 3.26 0.25
C GLU A 407 -0.65 4.48 0.13
N ARG A 408 -0.57 5.30 1.18
CA ARG A 408 0.41 6.41 1.22
C ARG A 408 1.82 5.90 1.06
N LEU A 409 2.18 4.88 1.84
CA LEU A 409 3.52 4.28 1.72
C LEU A 409 3.77 3.71 0.29
N VAL A 410 2.87 2.87 -0.20
CA VAL A 410 2.98 2.36 -1.57
C VAL A 410 3.15 3.54 -2.60
N ALA A 411 2.35 4.60 -2.46
CA ALA A 411 2.43 5.74 -3.41
C ALA A 411 3.80 6.39 -3.37
N TRP A 412 4.38 6.55 -2.18
CA TRP A 412 5.78 7.06 -2.12
C TRP A 412 6.82 6.08 -2.75
N VAL A 413 6.71 4.80 -2.37
CA VAL A 413 7.65 3.77 -2.81
C VAL A 413 7.73 3.71 -4.38
N LEU A 414 6.59 3.83 -5.04
CA LEU A 414 6.48 3.75 -6.51
C LEU A 414 6.33 5.12 -7.17
N LYS A 415 6.51 6.20 -6.41
CA LYS A 415 6.31 7.58 -6.90
C LYS A 415 5.05 7.75 -7.74
N LEU A 416 3.90 7.37 -7.19
CA LEU A 416 2.65 7.41 -7.90
C LEU A 416 2.15 8.85 -7.88
N ASP A 417 1.38 9.22 -8.89
CA ASP A 417 0.94 10.61 -9.05
C ASP A 417 -0.42 10.79 -8.38
N HIS A 418 -1.03 9.68 -7.98
CA HIS A 418 -2.22 9.75 -7.17
C HIS A 418 -2.28 8.50 -6.31
N ILE A 419 -2.69 8.66 -5.06
CA ILE A 419 -2.79 7.57 -4.11
C ILE A 419 -3.83 6.52 -4.56
N ARG A 420 -4.83 6.95 -5.34
CA ARG A 420 -5.88 6.02 -5.76
C ARG A 420 -5.32 4.80 -6.52
N TRP A 421 -4.19 4.95 -7.22
CA TRP A 421 -3.63 3.81 -7.97
C TRP A 421 -3.10 2.68 -7.05
N ALA A 422 -2.87 3.00 -5.78
CA ALA A 422 -2.40 2.02 -4.76
C ALA A 422 -3.53 1.22 -4.13
N ALA A 423 -4.78 1.53 -4.46
CA ALA A 423 -5.95 0.78 -3.95
C ALA A 423 -6.42 -0.20 -5.04
N LEU A 424 -6.79 -1.42 -4.66
CA LEU A 424 -7.32 -2.34 -5.68
C LEU A 424 -8.54 -1.73 -6.43
N PHE A 425 -9.53 -1.29 -5.66
CA PHE A 425 -10.72 -0.59 -6.17
C PHE A 425 -10.90 0.68 -5.31
N PRO A 426 -10.30 1.79 -5.76
CA PRO A 426 -10.28 3.02 -4.95
C PRO A 426 -11.67 3.60 -4.63
N ARG A 427 -11.79 4.16 -3.42
CA ARG A 427 -12.99 4.81 -2.98
C ARG A 427 -12.58 6.23 -2.70
N THR A 428 -13.23 7.18 -3.41
CA THR A 428 -13.07 8.65 -3.16
C THR A 428 -14.47 9.28 -3.04
N PRO A 429 -14.59 10.57 -2.65
CA PRO A 429 -15.92 11.19 -2.54
C PRO A 429 -16.75 11.06 -3.83
N ALA A 430 -16.08 11.13 -4.98
CA ALA A 430 -16.74 11.01 -6.28
C ALA A 430 -16.95 9.58 -6.77
N ARG A 431 -16.24 8.62 -6.19
CA ARG A 431 -16.10 7.29 -6.82
C ARG A 431 -16.38 6.15 -5.82
N LEU A 432 -17.47 5.41 -6.08
CA LEU A 432 -17.86 4.22 -5.37
C LEU A 432 -17.83 2.97 -6.29
N TYR A 433 -17.56 3.17 -7.57
CA TYR A 433 -17.76 2.14 -8.57
C TYR A 433 -16.45 1.86 -9.31
N PRO A 434 -16.22 0.64 -9.87
CA PRO A 434 -16.95 -0.60 -9.56
C PRO A 434 -16.76 -1.09 -8.13
#